data_5LIP
#
_entry.id   5LIP
#
_cell.length_a   88.730
_cell.length_b   46.420
_cell.length_c   83.950
_cell.angle_alpha   90.00
_cell.angle_beta   121.23
_cell.angle_gamma   90.00
#
_symmetry.space_group_name_H-M   'C 1 2 1'
#
loop_
_entity.id
_entity.type
_entity.pdbx_description
1 polymer 'TRIACYL-GLYCEROL HYDROLASE'
2 non-polymer 'CALCIUM ION'
3 non-polymer 'OCTYL-PHOSPHINIC ACID 1,2-BIS-OCTYLCARBAMOYLOXY-ETHYL ESTER'
4 water water
#
_entity_poly.entity_id   1
_entity_poly.type   'polypeptide(L)'
_entity_poly.pdbx_seq_one_letter_code
;ADNYAATRYPIILVHGLTGTDKYAGVLEYWYGIQEDLQQRGATVYVANLSGFQSDDGPNGRGEQLLAYVKTVLAATGATK
VNLVGHSQGGLTSRYVAAVAPDLVASVTTIGTPHRGSEFADFVQGVLAYDPTGLSSTVIAAFVNVFGILTSSSNNTNQDA
LAALKTLTTAQAATYNQNYPSAGLGAPGSCQTGAPTETVGGNTHLLYSWAGTAIQPTISVFGVTGATDTSTIPLVDPANA
LDPSTLALFGTGTVMVNRGSGQNDGVVSKCSALYGQVLSTSYKWNHLDEINQLLGVRGANAEDPVAVIRTHANRLKLAGV
;
_entity_poly.pdbx_strand_id   A
#
loop_
_chem_comp.id
_chem_comp.type
_chem_comp.name
_chem_comp.formula
CA non-polymer 'CALCIUM ION' 'Ca 2'
OCP non-polymer 'OCTYL-PHOSPHINIC ACID 1,2-BIS-OCTYLCARBAMOYLOXY-ETHYL ESTER' 'C29 H59 N2 O7 P'
#
# COMPACT_ATOMS: atom_id res chain seq x y z
N ALA A 1 22.64 -15.59 0.92
CA ALA A 1 24.01 -15.65 1.46
C ALA A 1 24.08 -15.34 2.96
N ASP A 2 23.15 -14.50 3.43
CA ASP A 2 23.10 -14.05 4.83
C ASP A 2 21.82 -14.42 5.59
N ASN A 3 21.80 -14.04 6.87
CA ASN A 3 20.66 -14.23 7.75
C ASN A 3 20.33 -12.85 8.31
N TYR A 4 20.56 -11.84 7.48
CA TYR A 4 20.33 -10.44 7.78
C TYR A 4 18.84 -10.12 7.99
N ALA A 5 18.00 -10.66 7.11
CA ALA A 5 16.56 -10.43 7.18
C ALA A 5 15.85 -11.59 7.87
N ALA A 6 16.63 -12.47 8.51
CA ALA A 6 16.09 -13.64 9.23
C ALA A 6 15.29 -13.24 10.47
N THR A 7 14.03 -12.87 10.25
CA THR A 7 13.12 -12.50 11.30
C THR A 7 12.73 -13.75 12.12
N ARG A 8 12.00 -13.58 13.21
CA ARG A 8 11.55 -14.70 14.03
C ARG A 8 10.25 -15.25 13.45
N TYR A 9 9.35 -14.33 13.10
CA TYR A 9 8.04 -14.63 12.54
C TYR A 9 8.10 -14.40 11.03
N PRO A 10 7.39 -15.24 10.24
CA PRO A 10 7.39 -15.10 8.78
C PRO A 10 6.78 -13.83 8.22
N ILE A 11 7.43 -13.29 7.18
CA ILE A 11 6.98 -12.08 6.51
C ILE A 11 5.88 -12.38 5.49
N ILE A 12 4.79 -11.62 5.58
CA ILE A 12 3.69 -11.73 4.63
C ILE A 12 3.54 -10.34 3.94
N LEU A 13 3.79 -10.33 2.64
CA LEU A 13 3.71 -9.14 1.81
C LEU A 13 2.28 -9.02 1.23
N VAL A 14 1.54 -8.02 1.71
CA VAL A 14 0.16 -7.80 1.28
C VAL A 14 0.05 -6.70 0.19
N HIS A 15 -0.53 -7.06 -0.96
CA HIS A 15 -0.70 -6.13 -2.09
C HIS A 15 -1.85 -5.12 -1.88
N GLY A 16 -1.94 -4.14 -2.78
CA GLY A 16 -2.99 -3.14 -2.72
C GLY A 16 -3.98 -3.23 -3.87
N LEU A 17 -4.46 -2.09 -4.33
CA LEU A 17 -5.44 -2.02 -5.40
C LEU A 17 -4.81 -2.53 -6.66
N THR A 18 -5.65 -3.20 -7.46
CA THR A 18 -5.29 -3.82 -8.73
C THR A 18 -4.44 -5.08 -8.57
N GLY A 19 -3.85 -5.24 -7.41
CA GLY A 19 -2.93 -6.33 -7.15
C GLY A 19 -3.38 -7.76 -6.99
N THR A 20 -2.35 -8.60 -6.96
CA THR A 20 -2.38 -10.04 -6.80
C THR A 20 -0.94 -10.40 -6.45
N ASP A 21 -0.60 -11.66 -6.34
CA ASP A 21 0.79 -11.96 -5.99
C ASP A 21 1.72 -11.78 -7.24
N LYS A 22 1.20 -12.13 -8.40
CA LYS A 22 1.87 -12.02 -9.70
C LYS A 22 0.82 -11.76 -10.80
N TYR A 23 0.91 -10.63 -11.49
CA TYR A 23 -0.04 -10.29 -12.57
C TYR A 23 0.04 -11.21 -13.76
N ALA A 24 -1.09 -11.87 -14.02
CA ALA A 24 -1.25 -12.86 -15.09
C ALA A 24 -0.35 -14.07 -14.77
N GLY A 25 0.03 -14.16 -13.50
CA GLY A 25 0.92 -15.22 -13.06
C GLY A 25 2.39 -14.96 -13.40
N VAL A 26 2.68 -13.89 -14.14
CA VAL A 26 4.04 -13.55 -14.56
C VAL A 26 4.68 -12.30 -13.91
N LEU A 27 3.99 -11.16 -13.93
CA LEU A 27 4.54 -9.96 -13.31
C LEU A 27 4.36 -9.84 -11.77
N GLU A 28 5.46 -9.94 -11.03
CA GLU A 28 5.42 -9.82 -9.57
C GLU A 28 5.06 -8.41 -9.13
N TYR A 29 4.12 -8.28 -8.21
CA TYR A 29 3.72 -6.98 -7.69
C TYR A 29 4.94 -6.47 -6.88
N TRP A 30 5.44 -7.30 -5.97
CA TRP A 30 6.61 -6.99 -5.16
C TRP A 30 7.84 -7.44 -5.94
N TYR A 31 8.22 -6.67 -6.95
CA TYR A 31 9.32 -7.01 -7.86
C TYR A 31 10.67 -7.33 -7.22
N GLY A 32 11.05 -8.61 -7.24
CA GLY A 32 12.30 -9.04 -6.67
C GLY A 32 12.46 -8.87 -5.18
N ILE A 33 11.38 -8.48 -4.50
CA ILE A 33 11.40 -8.26 -3.05
C ILE A 33 11.48 -9.55 -2.28
N GLN A 34 10.54 -10.47 -2.57
CA GLN A 34 10.49 -11.79 -1.90
C GLN A 34 11.80 -12.54 -2.11
N GLU A 35 12.32 -12.42 -3.31
CA GLU A 35 13.56 -13.07 -3.70
C GLU A 35 14.74 -12.53 -2.88
N ASP A 36 14.79 -11.21 -2.82
CA ASP A 36 15.87 -10.49 -2.11
C ASP A 36 15.87 -10.83 -0.63
N LEU A 37 14.68 -10.96 -0.07
CA LEU A 37 14.52 -11.29 1.35
C LEU A 37 14.90 -12.75 1.57
N GLN A 38 14.49 -13.63 0.65
CA GLN A 38 14.79 -15.05 0.70
C GLN A 38 16.29 -15.32 0.78
N GLN A 39 17.07 -14.65 -0.07
CA GLN A 39 18.51 -14.78 -0.14
C GLN A 39 19.17 -14.40 1.18
N ARG A 40 18.53 -13.48 1.90
CA ARG A 40 19.09 -12.92 3.13
C ARG A 40 18.48 -13.61 4.35
N GLY A 41 18.23 -14.92 4.22
CA GLY A 41 17.71 -15.77 5.27
C GLY A 41 16.33 -15.59 5.86
N ALA A 42 15.44 -14.97 5.10
CA ALA A 42 14.10 -14.69 5.57
C ALA A 42 13.09 -15.68 4.99
N THR A 43 12.02 -15.91 5.77
CA THR A 43 10.92 -16.79 5.34
C THR A 43 9.90 -15.74 4.88
N VAL A 44 9.62 -15.71 3.58
CA VAL A 44 8.71 -14.73 3.01
C VAL A 44 7.58 -15.41 2.25
N TYR A 45 6.37 -14.86 2.42
CA TYR A 45 5.14 -15.34 1.83
C TYR A 45 4.41 -14.17 1.17
N VAL A 46 3.90 -14.34 -0.06
CA VAL A 46 3.19 -13.26 -0.73
C VAL A 46 1.71 -13.61 -0.93
N ALA A 47 0.85 -12.80 -0.31
CA ALA A 47 -0.57 -13.00 -0.36
C ALA A 47 -1.21 -12.77 -1.72
N ASN A 48 -2.22 -13.58 -2.03
CA ASN A 48 -2.96 -13.42 -3.25
C ASN A 48 -4.37 -13.19 -2.75
N LEU A 49 -4.81 -11.94 -2.84
CA LEU A 49 -6.15 -11.56 -2.42
C LEU A 49 -6.82 -10.86 -3.62
N SER A 50 -7.99 -10.28 -3.38
CA SER A 50 -8.72 -9.55 -4.41
C SER A 50 -8.01 -8.23 -4.75
N GLY A 51 -7.90 -7.96 -6.05
CA GLY A 51 -7.26 -6.72 -6.50
C GLY A 51 -8.24 -5.56 -6.38
N PHE A 52 -9.53 -5.89 -6.51
CA PHE A 52 -10.62 -4.93 -6.41
C PHE A 52 -11.69 -5.40 -5.43
N GLN A 53 -11.73 -4.80 -4.24
CA GLN A 53 -12.73 -5.10 -3.19
C GLN A 53 -12.44 -4.22 -1.98
N SER A 54 -13.35 -4.24 -1.01
CA SER A 54 -13.17 -3.51 0.25
C SER A 54 -12.35 -4.38 1.18
N ASP A 55 -11.89 -3.80 2.30
CA ASP A 55 -11.11 -4.58 3.26
C ASP A 55 -12.00 -5.31 4.24
N ASP A 56 -13.08 -4.67 4.70
CA ASP A 56 -14.02 -5.34 5.58
C ASP A 56 -15.14 -6.00 4.77
N GLY A 57 -16.01 -6.71 5.48
CA GLY A 57 -17.12 -7.43 4.86
C GLY A 57 -16.75 -8.91 4.80
N PRO A 58 -17.73 -9.87 4.84
CA PRO A 58 -17.43 -11.31 4.79
C PRO A 58 -16.58 -11.67 3.58
N ASN A 59 -16.97 -11.11 2.44
CA ASN A 59 -16.27 -11.36 1.20
C ASN A 59 -15.21 -10.29 0.85
N GLY A 60 -14.63 -9.69 1.89
CA GLY A 60 -13.63 -8.64 1.74
C GLY A 60 -12.22 -9.17 1.65
N ARG A 61 -11.24 -8.27 1.62
CA ARG A 61 -9.84 -8.67 1.51
C ARG A 61 -9.20 -9.06 2.86
N GLY A 62 -9.71 -8.45 3.95
CA GLY A 62 -9.21 -8.71 5.29
C GLY A 62 -9.38 -10.17 5.65
N GLU A 63 -10.58 -10.70 5.38
CA GLU A 63 -10.89 -12.11 5.67
C GLU A 63 -10.07 -13.06 4.80
N GLN A 64 -9.78 -12.64 3.58
CA GLN A 64 -8.96 -13.43 2.65
C GLN A 64 -7.55 -13.49 3.23
N LEU A 65 -7.11 -12.41 3.84
CA LEU A 65 -5.79 -12.34 4.45
C LEU A 65 -5.69 -13.14 5.73
N LEU A 66 -6.73 -13.10 6.56
CA LEU A 66 -6.79 -13.85 7.82
C LEU A 66 -6.66 -15.33 7.47
N ALA A 67 -7.49 -15.78 6.51
CA ALA A 67 -7.49 -17.18 6.03
C ALA A 67 -6.09 -17.61 5.56
N TYR A 68 -5.44 -16.71 4.79
CA TYR A 68 -4.10 -16.96 4.29
C TYR A 68 -3.06 -16.96 5.42
N VAL A 69 -3.19 -16.03 6.38
CA VAL A 69 -2.26 -15.92 7.53
C VAL A 69 -2.33 -17.21 8.30
N LYS A 70 -3.54 -17.79 8.40
CA LYS A 70 -3.79 -19.05 9.10
C LYS A 70 -3.05 -20.23 8.46
N THR A 71 -3.13 -20.34 7.15
CA THR A 71 -2.49 -21.43 6.42
C THR A 71 -0.98 -21.31 6.45
N VAL A 72 -0.46 -20.09 6.54
CA VAL A 72 0.98 -19.86 6.61
C VAL A 72 1.51 -20.41 7.92
N LEU A 73 0.83 -20.12 9.02
CA LEU A 73 1.21 -20.58 10.35
C LEU A 73 1.14 -22.08 10.38
N ALA A 74 0.14 -22.65 9.70
CA ALA A 74 -0.09 -24.11 9.61
C ALA A 74 0.97 -24.79 8.76
N ALA A 75 1.63 -24.01 7.91
CA ALA A 75 2.66 -24.49 7.01
C ALA A 75 4.06 -24.22 7.52
N THR A 76 4.18 -23.26 8.41
CA THR A 76 5.47 -22.90 8.95
C THR A 76 5.75 -23.40 10.36
N GLY A 77 4.68 -23.59 11.13
CA GLY A 77 4.80 -24.01 12.51
C GLY A 77 4.97 -22.77 13.40
N ALA A 78 4.71 -21.61 12.80
CA ALA A 78 4.81 -20.34 13.49
C ALA A 78 3.53 -20.06 14.31
N THR A 79 3.61 -19.04 15.18
CA THR A 79 2.47 -18.64 16.02
C THR A 79 1.92 -17.26 15.65
N LYS A 80 2.78 -16.44 15.05
CA LYS A 80 2.45 -15.09 14.64
C LYS A 80 3.19 -14.72 13.33
N VAL A 81 2.75 -13.67 12.64
CA VAL A 81 3.41 -13.24 11.39
C VAL A 81 3.69 -11.76 11.37
N ASN A 82 4.56 -11.34 10.43
CA ASN A 82 4.92 -9.94 10.21
C ASN A 82 4.21 -9.43 8.95
N LEU A 83 3.15 -8.66 9.12
CA LEU A 83 2.42 -8.15 7.95
C LEU A 83 3.10 -6.92 7.42
N VAL A 84 3.43 -6.97 6.14
CA VAL A 84 4.07 -5.86 5.44
C VAL A 84 3.11 -5.54 4.29
N GLY A 85 2.32 -4.49 4.44
CA GLY A 85 1.38 -4.14 3.42
C GLY A 85 1.73 -2.91 2.64
N HIS A 86 1.34 -2.90 1.37
CA HIS A 86 1.55 -1.74 0.51
C HIS A 86 0.18 -1.26 0.07
N SER A 87 0.00 0.06 0.06
CA SER A 87 -1.23 0.71 -0.34
C SER A 87 -2.44 0.25 0.39
N GLN A 88 -3.40 -0.40 -0.28
CA GLN A 88 -4.58 -0.87 0.44
C GLN A 88 -4.18 -2.02 1.34
N GLY A 89 -3.06 -2.64 1.01
CA GLY A 89 -2.53 -3.74 1.80
C GLY A 89 -2.35 -3.40 3.28
N GLY A 90 -1.81 -2.22 3.56
CA GLY A 90 -1.61 -1.78 4.94
C GLY A 90 -2.96 -1.67 5.67
N LEU A 91 -3.98 -1.27 4.91
CA LEU A 91 -5.35 -1.15 5.39
C LEU A 91 -5.89 -2.59 5.61
N THR A 92 -5.38 -3.53 4.84
CA THR A 92 -5.81 -4.91 4.96
C THR A 92 -5.10 -5.63 6.11
N SER A 93 -3.82 -5.29 6.32
CA SER A 93 -3.00 -5.87 7.38
C SER A 93 -3.55 -5.46 8.73
N ARG A 94 -4.00 -4.20 8.78
CA ARG A 94 -4.59 -3.59 9.97
C ARG A 94 -5.79 -4.40 10.41
N TYR A 95 -6.64 -4.79 9.45
CA TYR A 95 -7.85 -5.56 9.74
C TYR A 95 -7.54 -6.86 10.44
N VAL A 96 -6.51 -7.56 9.98
CA VAL A 96 -6.14 -8.84 10.60
C VAL A 96 -5.53 -8.62 11.99
N ALA A 97 -4.83 -7.49 12.16
CA ALA A 97 -4.20 -7.12 13.45
C ALA A 97 -5.29 -6.92 14.48
N ALA A 98 -6.35 -6.24 14.06
CA ALA A 98 -7.48 -5.91 14.91
C ALA A 98 -8.34 -7.14 15.27
N VAL A 99 -8.82 -7.85 14.26
CA VAL A 99 -9.67 -9.01 14.42
C VAL A 99 -8.98 -10.27 14.94
N ALA A 100 -7.66 -10.35 14.77
CA ALA A 100 -6.88 -11.52 15.20
C ALA A 100 -5.49 -11.15 15.71
N PRO A 101 -5.42 -10.37 16.82
CA PRO A 101 -4.14 -9.95 17.38
C PRO A 101 -3.08 -10.98 17.63
N ASP A 102 -3.49 -12.13 18.12
CA ASP A 102 -2.59 -13.21 18.48
C ASP A 102 -1.76 -13.76 17.34
N LEU A 103 -2.28 -13.64 16.11
CA LEU A 103 -1.60 -14.16 14.92
C LEU A 103 -0.73 -13.10 14.24
N VAL A 104 -0.77 -11.89 14.76
CA VAL A 104 0.00 -10.81 14.19
C VAL A 104 1.03 -10.24 15.19
N ALA A 105 2.29 -10.17 14.72
CA ALA A 105 3.41 -9.68 15.50
C ALA A 105 3.86 -8.26 15.15
N SER A 106 3.51 -7.77 13.97
CA SER A 106 3.89 -6.43 13.52
C SER A 106 3.13 -6.11 12.24
N VAL A 107 2.84 -4.83 12.03
CA VAL A 107 2.18 -4.34 10.82
C VAL A 107 3.06 -3.22 10.33
N THR A 108 3.47 -3.33 9.07
CA THR A 108 4.34 -2.36 8.45
C THR A 108 3.61 -1.90 7.18
N THR A 109 3.41 -0.58 7.01
CA THR A 109 2.68 -0.01 5.86
C THR A 109 3.52 0.86 4.95
N ILE A 110 3.48 0.54 3.66
CA ILE A 110 4.26 1.23 2.66
C ILE A 110 3.36 2.07 1.74
N GLY A 111 3.24 3.38 2.01
CA GLY A 111 2.39 4.27 1.21
C GLY A 111 0.91 3.91 1.27
N THR A 112 0.42 3.70 2.49
CA THR A 112 -0.96 3.32 2.74
C THR A 112 -1.94 4.46 3.04
N PRO A 113 -3.04 4.54 2.24
CA PRO A 113 -4.06 5.58 2.43
C PRO A 113 -4.92 5.32 3.65
N HIS A 114 -4.37 5.62 4.83
CA HIS A 114 -5.06 5.41 6.10
C HIS A 114 -6.20 6.38 6.28
N ARG A 115 -6.07 7.57 5.68
CA ARG A 115 -7.07 8.63 5.74
C ARG A 115 -7.80 8.72 4.40
N GLY A 116 -7.35 7.87 3.48
CA GLY A 116 -7.93 7.83 2.15
C GLY A 116 -7.06 8.46 1.06
N SER A 117 -7.64 8.59 -0.12
CA SER A 117 -6.98 9.20 -1.24
C SER A 117 -7.88 10.26 -1.82
N GLU A 118 -7.30 11.42 -2.15
CA GLU A 118 -8.03 12.54 -2.74
C GLU A 118 -8.33 12.23 -4.18
N PHE A 119 -7.51 11.33 -4.72
CA PHE A 119 -7.63 10.83 -6.10
C PHE A 119 -8.82 9.86 -6.25
N ALA A 120 -9.14 9.16 -5.15
CA ALA A 120 -10.27 8.23 -5.10
C ALA A 120 -11.52 9.08 -5.03
N ASP A 121 -11.44 10.24 -4.36
CA ASP A 121 -12.59 11.18 -4.26
C ASP A 121 -12.85 11.77 -5.64
N PHE A 122 -11.78 12.07 -6.34
CA PHE A 122 -11.83 12.62 -7.69
C PHE A 122 -12.48 11.65 -8.65
N VAL A 123 -11.86 10.48 -8.81
CA VAL A 123 -12.37 9.45 -9.72
C VAL A 123 -13.85 9.14 -9.46
N GLN A 124 -14.29 9.24 -8.21
CA GLN A 124 -15.69 8.98 -7.85
C GLN A 124 -16.55 10.19 -8.23
N GLY A 125 -16.00 11.39 -8.05
CA GLY A 125 -16.72 12.61 -8.40
C GLY A 125 -16.93 12.69 -9.91
N VAL A 126 -16.00 12.12 -10.67
CA VAL A 126 -16.06 12.07 -12.15
C VAL A 126 -17.13 11.05 -12.59
N LEU A 127 -17.32 10.00 -11.81
CA LEU A 127 -18.32 8.97 -12.08
C LEU A 127 -19.74 9.46 -11.83
N ALA A 128 -19.87 10.34 -10.83
CA ALA A 128 -21.16 10.93 -10.42
C ALA A 128 -21.72 11.93 -11.43
N TYR A 129 -20.88 12.49 -12.29
CA TYR A 129 -21.34 13.44 -13.31
C TYR A 129 -22.03 12.79 -14.51
N ASP A 130 -22.20 11.48 -14.45
CA ASP A 130 -22.93 10.74 -15.47
C ASP A 130 -24.28 10.61 -14.74
N PRO A 131 -25.31 11.40 -15.16
CA PRO A 131 -26.67 11.44 -14.61
C PRO A 131 -27.43 10.13 -14.75
N THR A 132 -27.00 9.30 -15.69
CA THR A 132 -27.61 8.00 -15.93
C THR A 132 -27.01 6.99 -14.96
N GLY A 133 -25.70 7.12 -14.72
CA GLY A 133 -25.01 6.22 -13.83
C GLY A 133 -24.47 4.95 -14.50
N LEU A 134 -24.48 4.96 -15.83
CA LEU A 134 -24.00 3.83 -16.64
C LEU A 134 -22.45 3.76 -16.74
N SER A 135 -21.76 4.88 -16.47
CA SER A 135 -20.29 4.93 -16.49
C SER A 135 -19.80 4.03 -15.38
N SER A 136 -20.48 4.11 -14.23
CA SER A 136 -20.16 3.30 -13.04
C SER A 136 -20.39 1.83 -13.27
N THR A 137 -21.42 1.53 -14.07
CA THR A 137 -21.77 0.16 -14.41
C THR A 137 -20.74 -0.44 -15.34
N VAL A 138 -20.53 0.23 -16.47
CA VAL A 138 -19.58 -0.24 -17.47
C VAL A 138 -18.08 -0.18 -17.14
N ILE A 139 -17.65 0.88 -16.43
CA ILE A 139 -16.24 1.00 -16.05
C ILE A 139 -15.86 0.06 -14.88
N ALA A 140 -16.85 -0.26 -14.04
CA ALA A 140 -16.65 -1.20 -12.93
C ALA A 140 -16.56 -2.58 -13.51
N ALA A 141 -17.45 -2.90 -14.44
CA ALA A 141 -17.52 -4.18 -15.17
C ALA A 141 -16.18 -4.39 -15.83
N PHE A 142 -15.67 -3.34 -16.43
CA PHE A 142 -14.38 -3.37 -17.09
C PHE A 142 -13.27 -3.70 -16.10
N VAL A 143 -13.13 -2.85 -15.08
CA VAL A 143 -12.10 -3.00 -14.03
C VAL A 143 -12.19 -4.32 -13.23
N ASN A 144 -13.39 -4.88 -13.07
CA ASN A 144 -13.57 -6.15 -12.38
C ASN A 144 -12.97 -7.19 -13.29
N VAL A 145 -13.34 -7.17 -14.57
CA VAL A 145 -12.84 -8.12 -15.55
C VAL A 145 -11.30 -8.10 -15.64
N PHE A 146 -10.69 -6.95 -15.39
CA PHE A 146 -9.22 -6.84 -15.37
C PHE A 146 -8.76 -7.70 -14.20
N GLY A 147 -9.40 -7.49 -13.04
CA GLY A 147 -9.11 -8.23 -11.80
C GLY A 147 -9.00 -9.71 -12.08
N ILE A 148 -10.03 -10.28 -12.72
CA ILE A 148 -10.08 -11.70 -13.09
C ILE A 148 -8.96 -12.10 -14.07
N LEU A 149 -8.83 -11.35 -15.18
CA LEU A 149 -7.81 -11.64 -16.18
C LEU A 149 -6.36 -11.49 -15.77
N THR A 150 -6.10 -10.67 -14.75
CA THR A 150 -4.73 -10.45 -14.27
C THR A 150 -4.45 -11.11 -12.92
N SER A 151 -5.49 -11.66 -12.29
CA SER A 151 -5.31 -12.36 -11.02
C SER A 151 -4.64 -13.67 -11.39
N SER A 152 -3.71 -14.14 -10.57
CA SER A 152 -3.06 -15.39 -10.89
C SER A 152 -4.00 -16.61 -10.72
N SER A 153 -5.03 -16.47 -9.91
CA SER A 153 -5.94 -17.58 -9.71
C SER A 153 -7.27 -17.29 -10.38
N ASN A 154 -7.28 -16.22 -11.17
CA ASN A 154 -8.48 -15.76 -11.90
C ASN A 154 -9.68 -15.63 -10.98
N ASN A 155 -9.42 -15.01 -9.83
CA ASN A 155 -10.40 -14.77 -8.78
C ASN A 155 -11.52 -13.87 -9.29
N THR A 156 -12.74 -14.37 -9.16
CA THR A 156 -13.94 -13.70 -9.59
C THR A 156 -14.42 -12.68 -8.54
N ASN A 157 -13.95 -12.82 -7.30
CA ASN A 157 -14.32 -11.92 -6.19
C ASN A 157 -13.72 -10.49 -6.38
N GLN A 158 -14.31 -9.72 -7.30
CA GLN A 158 -13.87 -8.37 -7.56
C GLN A 158 -15.06 -7.41 -7.53
N ASP A 159 -14.90 -6.33 -6.77
CA ASP A 159 -15.93 -5.31 -6.66
C ASP A 159 -15.15 -3.99 -6.77
N ALA A 160 -15.02 -3.47 -7.98
CA ALA A 160 -14.27 -2.24 -8.24
C ALA A 160 -14.87 -1.00 -7.54
N LEU A 161 -16.20 -0.85 -7.62
CA LEU A 161 -16.87 0.27 -6.98
C LEU A 161 -16.67 0.28 -5.48
N ALA A 162 -16.49 -0.90 -4.87
CA ALA A 162 -16.22 -1.10 -3.41
C ALA A 162 -14.80 -0.67 -3.13
N ALA A 163 -13.87 -1.12 -3.96
CA ALA A 163 -12.45 -0.76 -3.84
C ALA A 163 -12.20 0.76 -3.96
N LEU A 164 -12.94 1.44 -4.84
CA LEU A 164 -12.82 2.90 -5.05
C LEU A 164 -13.46 3.68 -3.91
N LYS A 165 -14.54 3.14 -3.34
CA LYS A 165 -15.24 3.77 -2.23
C LYS A 165 -14.42 3.62 -0.96
N THR A 166 -13.84 2.43 -0.77
CA THR A 166 -13.00 2.12 0.40
C THR A 166 -11.83 3.10 0.52
N LEU A 167 -11.30 3.52 -0.63
CA LEU A 167 -10.16 4.42 -0.72
C LEU A 167 -10.44 5.93 -0.73
N THR A 168 -11.71 6.33 -0.60
CA THR A 168 -12.04 7.76 -0.53
C THR A 168 -11.75 8.33 0.87
N THR A 169 -11.43 9.62 0.95
CA THR A 169 -11.13 10.28 2.23
C THR A 169 -12.19 10.11 3.32
N ALA A 170 -13.46 10.13 2.91
CA ALA A 170 -14.62 10.03 3.79
C ALA A 170 -14.93 8.63 4.23
N GLN A 171 -14.66 7.65 3.37
CA GLN A 171 -14.95 6.28 3.73
C GLN A 171 -13.87 5.69 4.60
N ALA A 172 -12.63 6.13 4.40
CA ALA A 172 -11.51 5.60 5.21
C ALA A 172 -11.62 6.13 6.63
N ALA A 173 -12.28 7.28 6.79
CA ALA A 173 -12.48 7.93 8.09
C ALA A 173 -13.46 7.11 8.89
N THR A 174 -14.31 6.37 8.20
CA THR A 174 -15.27 5.51 8.88
C THR A 174 -14.58 4.20 9.22
N TYR A 175 -13.66 3.78 8.35
CA TYR A 175 -12.90 2.54 8.54
C TYR A 175 -12.11 2.59 9.83
N ASN A 176 -11.42 3.71 10.01
CA ASN A 176 -10.59 3.97 11.18
C ASN A 176 -11.42 3.99 12.47
N GLN A 177 -12.69 4.41 12.39
CA GLN A 177 -13.57 4.44 13.56
C GLN A 177 -13.89 2.99 13.92
N ASN A 178 -14.25 2.22 12.89
CA ASN A 178 -14.62 0.82 12.96
C ASN A 178 -13.48 -0.11 13.27
N TYR A 179 -12.26 0.35 12.98
CA TYR A 179 -11.06 -0.43 13.23
C TYR A 179 -9.95 0.48 13.74
N PRO A 180 -10.09 0.96 14.99
CA PRO A 180 -9.07 1.84 15.56
C PRO A 180 -7.76 1.16 15.89
N SER A 181 -6.67 1.92 15.81
CA SER A 181 -5.32 1.44 16.08
C SER A 181 -4.64 2.52 16.91
N ALA A 182 -3.68 2.11 17.74
CA ALA A 182 -2.93 3.05 18.57
C ALA A 182 -1.89 3.77 17.69
N GLY A 183 -1.61 3.20 16.51
CA GLY A 183 -0.66 3.80 15.59
C GLY A 183 -1.28 4.91 14.72
N LEU A 184 -2.53 5.27 15.00
CA LEU A 184 -3.22 6.29 14.28
C LEU A 184 -3.44 7.49 15.21
N GLY A 185 -3.14 8.68 14.69
CA GLY A 185 -3.33 9.90 15.43
C GLY A 185 -4.64 10.52 14.98
N ALA A 186 -5.05 11.63 15.60
CA ALA A 186 -6.30 12.32 15.29
C ALA A 186 -6.57 12.63 13.83
N PRO A 187 -7.80 12.35 13.38
CA PRO A 187 -8.18 12.64 12.01
C PRO A 187 -7.99 14.13 11.77
N GLY A 188 -7.25 14.47 10.72
CA GLY A 188 -7.03 15.87 10.33
C GLY A 188 -5.85 16.56 10.99
N SER A 189 -4.87 15.78 11.41
CA SER A 189 -3.76 16.36 12.12
C SER A 189 -2.41 16.22 11.43
N CYS A 190 -2.36 15.34 10.44
CA CYS A 190 -1.15 15.01 9.72
C CYS A 190 -0.06 14.60 10.75
N GLN A 191 -0.53 13.79 11.70
CA GLN A 191 0.24 13.24 12.80
C GLN A 191 -0.06 11.77 12.93
N THR A 192 0.96 10.98 13.30
CA THR A 192 0.84 9.54 13.51
C THR A 192 0.42 9.26 14.98
N GLY A 193 0.53 8.00 15.39
CA GLY A 193 0.21 7.61 16.75
C GLY A 193 1.38 6.88 17.39
N ALA A 194 1.07 5.92 18.25
CA ALA A 194 2.08 5.14 18.96
C ALA A 194 2.84 4.14 18.10
N PRO A 195 4.14 3.89 18.41
CA PRO A 195 5.02 2.97 17.69
C PRO A 195 4.69 1.45 17.84
N THR A 196 4.01 1.10 18.94
CA THR A 196 3.59 -0.28 19.21
C THR A 196 2.10 -0.24 19.55
N GLU A 197 1.47 -1.40 19.54
CA GLU A 197 0.02 -1.56 19.80
C GLU A 197 -0.25 -2.82 20.69
N THR A 198 -1.23 -2.73 21.59
CA THR A 198 -1.57 -3.90 22.42
C THR A 198 -3.06 -4.29 22.48
N VAL A 199 -3.43 -5.35 21.72
CA VAL A 199 -4.80 -5.84 21.61
C VAL A 199 -4.95 -7.20 22.27
N GLY A 200 -5.92 -7.33 23.18
CA GLY A 200 -6.19 -8.60 23.87
C GLY A 200 -4.99 -9.20 24.58
N GLY A 201 -4.01 -8.34 24.90
CA GLY A 201 -2.80 -8.78 25.56
C GLY A 201 -1.71 -9.14 24.60
N ASN A 202 -1.83 -8.74 23.33
CA ASN A 202 -0.84 -9.08 22.28
C ASN A 202 -0.12 -7.85 21.71
N THR A 203 1.21 -7.81 21.82
CA THR A 203 1.94 -6.65 21.33
C THR A 203 2.36 -6.73 19.84
N HIS A 204 2.00 -5.69 19.09
CA HIS A 204 2.29 -5.55 17.63
C HIS A 204 3.25 -4.35 17.48
N LEU A 205 4.32 -4.51 16.71
CA LEU A 205 5.26 -3.41 16.51
C LEU A 205 4.88 -2.70 15.23
N LEU A 206 4.24 -1.54 15.37
CA LEU A 206 3.74 -0.76 14.22
C LEU A 206 4.80 0.11 13.57
N TYR A 207 4.89 0.05 12.24
CA TYR A 207 5.85 0.83 11.45
C TYR A 207 5.16 1.31 10.21
N SER A 208 5.80 2.26 9.52
CA SER A 208 5.31 2.82 8.25
C SER A 208 6.30 3.79 7.61
N TRP A 209 6.08 4.07 6.32
CA TRP A 209 6.89 5.01 5.55
C TRP A 209 6.14 5.57 4.35
N ALA A 210 6.67 6.59 3.71
CA ALA A 210 5.98 7.17 2.57
C ALA A 210 6.86 7.57 1.39
N GLY A 211 6.24 7.63 0.22
CA GLY A 211 6.92 8.04 -0.97
C GLY A 211 6.44 9.46 -1.22
N THR A 212 7.34 10.38 -1.52
CA THR A 212 6.98 11.75 -1.76
C THR A 212 7.75 12.31 -2.94
N ALA A 213 7.53 11.74 -4.12
CA ALA A 213 8.22 12.23 -5.31
C ALA A 213 7.51 13.51 -5.76
N ILE A 214 6.19 13.51 -5.70
CA ILE A 214 5.39 14.65 -6.13
C ILE A 214 5.11 15.67 -5.01
N GLN A 215 5.88 16.78 -5.05
CA GLN A 215 5.81 17.87 -4.10
C GLN A 215 5.20 19.08 -4.77
N PRO A 216 4.42 19.90 -4.02
CA PRO A 216 3.87 21.09 -4.69
C PRO A 216 5.03 22.09 -4.75
N THR A 217 5.25 22.67 -5.93
CA THR A 217 6.36 23.59 -6.11
C THR A 217 6.03 24.96 -6.74
N ILE A 218 4.83 25.13 -7.30
CA ILE A 218 4.45 26.39 -7.95
C ILE A 218 2.94 26.64 -8.00
N SER A 219 2.51 27.74 -7.40
CA SER A 219 1.11 28.10 -7.37
C SER A 219 0.92 29.40 -8.15
N VAL A 220 0.06 29.34 -9.17
CA VAL A 220 -0.24 30.46 -10.04
C VAL A 220 -1.75 30.38 -10.28
N PHE A 221 -2.51 31.48 -10.24
CA PHE A 221 -3.92 31.66 -10.52
C PHE A 221 -4.75 30.59 -9.84
N GLY A 222 -4.37 30.04 -8.69
CA GLY A 222 -5.12 29.04 -7.94
C GLY A 222 -4.57 27.65 -8.23
N VAL A 223 -4.27 27.43 -9.50
CA VAL A 223 -3.74 26.19 -10.05
C VAL A 223 -2.34 25.85 -9.50
N THR A 224 -2.25 24.72 -8.79
CA THR A 224 -0.99 24.32 -8.21
C THR A 224 -0.32 23.35 -9.16
N GLY A 225 0.99 23.47 -9.30
CA GLY A 225 1.73 22.60 -10.18
C GLY A 225 2.80 21.94 -9.33
N ALA A 226 3.17 20.71 -9.68
CA ALA A 226 4.18 19.94 -8.94
C ALA A 226 5.43 19.52 -9.72
N THR A 227 6.38 18.92 -8.99
CA THR A 227 7.62 18.41 -9.55
C THR A 227 7.78 16.97 -9.07
N ASP A 228 8.33 16.13 -9.93
CA ASP A 228 8.58 14.73 -9.64
C ASP A 228 10.03 14.68 -9.13
N THR A 229 10.21 14.79 -7.82
CA THR A 229 11.55 14.82 -7.25
C THR A 229 12.37 13.54 -7.34
N SER A 230 11.73 12.48 -7.83
CA SER A 230 12.41 11.18 -7.99
C SER A 230 13.35 11.20 -9.18
N THR A 231 13.01 12.02 -10.18
CA THR A 231 13.72 12.15 -11.45
C THR A 231 14.63 13.32 -11.63
N ILE A 232 15.58 13.17 -12.56
CA ILE A 232 16.46 14.27 -12.96
C ILE A 232 15.52 15.02 -13.90
N PRO A 233 15.34 16.35 -13.69
CA PRO A 233 14.44 17.11 -14.57
C PRO A 233 14.57 16.89 -16.09
N LEU A 234 13.45 16.42 -16.65
CA LEU A 234 13.24 16.11 -18.07
C LEU A 234 13.98 14.90 -18.71
N VAL A 235 15.31 14.94 -18.69
CA VAL A 235 16.15 13.90 -19.30
C VAL A 235 16.19 12.51 -18.66
N ASP A 236 15.56 12.34 -17.48
CA ASP A 236 15.57 11.07 -16.74
C ASP A 236 14.95 9.92 -17.50
N PRO A 237 15.71 8.82 -17.69
CA PRO A 237 15.25 7.64 -18.42
C PRO A 237 14.05 6.94 -17.84
N ALA A 238 13.78 7.14 -16.55
CA ALA A 238 12.62 6.52 -15.90
C ALA A 238 11.33 7.01 -16.54
N ASN A 239 11.34 8.21 -17.10
CA ASN A 239 10.16 8.76 -17.78
C ASN A 239 9.94 8.06 -19.14
N ALA A 240 10.86 7.16 -19.50
CA ALA A 240 10.79 6.41 -20.76
C ALA A 240 10.45 4.94 -20.56
N LEU A 241 11.29 4.24 -19.80
CA LEU A 241 11.13 2.80 -19.52
C LEU A 241 10.08 2.51 -18.44
N ASP A 242 9.37 3.54 -18.04
CA ASP A 242 8.37 3.37 -17.02
C ASP A 242 7.22 4.35 -17.25
N PRO A 243 6.08 3.84 -17.72
CA PRO A 243 4.92 4.68 -17.97
C PRO A 243 4.27 5.17 -16.67
N SER A 244 4.57 4.49 -15.57
CA SER A 244 4.00 4.87 -14.28
C SER A 244 4.67 6.08 -13.64
N THR A 245 5.94 6.34 -13.97
CA THR A 245 6.66 7.51 -13.42
C THR A 245 5.87 8.76 -13.87
N LEU A 246 5.59 8.85 -15.18
CA LEU A 246 4.82 9.98 -15.65
C LEU A 246 3.33 9.92 -15.36
N ALA A 247 2.77 8.72 -15.23
CA ALA A 247 1.34 8.59 -14.97
C ALA A 247 1.08 9.04 -13.56
N LEU A 248 1.97 8.65 -12.65
CA LEU A 248 1.86 8.99 -11.25
C LEU A 248 2.09 10.48 -11.01
N PHE A 249 2.89 11.11 -11.87
CA PHE A 249 3.15 12.55 -11.77
C PHE A 249 1.92 13.35 -12.26
N GLY A 250 1.08 12.69 -13.07
CA GLY A 250 -0.14 13.30 -13.57
C GLY A 250 -1.20 13.19 -12.48
N THR A 251 -1.35 11.99 -11.91
CA THR A 251 -2.32 11.76 -10.82
C THR A 251 -1.89 12.59 -9.62
N GLY A 252 -0.58 12.70 -9.45
CA GLY A 252 0.05 13.47 -8.37
C GLY A 252 -0.21 14.96 -8.39
N THR A 253 -0.56 15.48 -9.57
CA THR A 253 -0.87 16.90 -9.77
C THR A 253 -2.34 17.12 -9.42
N VAL A 254 -3.17 16.13 -9.73
CA VAL A 254 -4.60 16.17 -9.40
C VAL A 254 -4.74 16.18 -7.88
N MET A 255 -3.81 15.47 -7.22
CA MET A 255 -3.74 15.36 -5.75
C MET A 255 -3.43 16.71 -5.06
N VAL A 256 -2.33 17.35 -5.45
CA VAL A 256 -1.91 18.64 -4.89
C VAL A 256 -2.99 19.73 -5.05
N ASN A 257 -3.72 19.64 -6.16
CA ASN A 257 -4.83 20.54 -6.48
C ASN A 257 -6.09 20.17 -5.71
N ARG A 258 -6.00 19.11 -4.92
CA ARG A 258 -7.12 18.69 -4.10
C ARG A 258 -6.70 18.73 -2.62
N GLY A 259 -5.65 19.50 -2.35
CA GLY A 259 -5.16 19.69 -1.00
C GLY A 259 -4.32 18.59 -0.31
N SER A 260 -3.82 17.63 -1.07
CA SER A 260 -3.03 16.56 -0.48
C SER A 260 -1.64 16.99 0.00
N GLY A 261 -1.04 17.92 -0.75
CA GLY A 261 0.29 18.39 -0.47
C GLY A 261 1.27 17.40 -1.09
N GLN A 262 2.36 17.05 -0.38
CA GLN A 262 3.34 16.09 -0.86
C GLN A 262 2.79 14.68 -0.84
N ASN A 263 2.86 14.03 -2.00
CA ASN A 263 2.29 12.69 -2.18
C ASN A 263 3.13 11.78 -3.08
N ASP A 264 2.76 10.50 -3.14
CA ASP A 264 3.48 9.58 -4.02
C ASP A 264 2.77 9.37 -5.37
N GLY A 265 1.75 10.16 -5.65
CA GLY A 265 1.04 9.97 -6.89
C GLY A 265 -0.42 9.79 -6.58
N VAL A 266 -0.72 8.82 -5.72
CA VAL A 266 -2.10 8.58 -5.31
C VAL A 266 -2.36 8.62 -3.78
N VAL A 267 -1.29 8.64 -2.98
CA VAL A 267 -1.42 8.68 -1.52
C VAL A 267 -0.67 9.92 -0.98
N SER A 268 -1.24 10.62 -0.01
CA SER A 268 -0.56 11.77 0.55
C SER A 268 0.39 11.37 1.69
N LYS A 269 1.21 12.30 2.16
CA LYS A 269 2.13 12.04 3.25
C LYS A 269 1.31 11.78 4.50
N CYS A 270 0.38 12.70 4.73
CA CYS A 270 -0.51 12.71 5.88
C CYS A 270 -1.36 11.49 6.04
N SER A 271 -1.65 10.87 4.92
CA SER A 271 -2.46 9.67 4.85
C SER A 271 -1.65 8.38 5.03
N ALA A 272 -0.39 8.42 4.66
CA ALA A 272 0.49 7.26 4.78
C ALA A 272 1.00 6.98 6.21
N LEU A 273 0.96 8.02 7.06
CA LEU A 273 1.43 8.02 8.46
C LEU A 273 0.78 7.04 9.48
N TYR A 274 1.55 6.02 9.90
CA TYR A 274 1.07 4.98 10.84
C TYR A 274 2.17 4.51 11.78
N GLY A 275 1.83 4.32 13.05
CA GLY A 275 2.80 3.84 14.03
C GLY A 275 4.12 4.56 14.08
N GLN A 276 5.18 3.85 13.72
CA GLN A 276 6.52 4.38 13.72
C GLN A 276 6.92 4.73 12.30
N VAL A 277 6.98 6.03 12.05
CA VAL A 277 7.32 6.59 10.74
C VAL A 277 8.85 6.63 10.67
N LEU A 278 9.41 5.79 9.80
CA LEU A 278 10.85 5.69 9.58
C LEU A 278 11.28 6.75 8.57
N SER A 279 10.40 7.05 7.63
CA SER A 279 10.69 8.05 6.63
C SER A 279 9.48 8.45 5.79
N THR A 280 9.55 9.67 5.27
CA THR A 280 8.54 10.21 4.36
C THR A 280 9.32 10.99 3.32
N SER A 281 10.64 10.99 3.53
CA SER A 281 11.57 11.74 2.69
C SER A 281 11.91 11.07 1.36
N TYR A 282 11.58 9.79 1.19
CA TYR A 282 11.92 9.06 -0.06
C TYR A 282 11.36 9.70 -1.29
N LYS A 283 12.21 9.93 -2.29
CA LYS A 283 11.80 10.55 -3.53
C LYS A 283 11.24 9.42 -4.45
N TRP A 284 10.13 8.85 -4.00
CA TRP A 284 9.47 7.74 -4.65
C TRP A 284 8.04 8.04 -4.98
N ASN A 285 7.58 7.50 -6.11
CA ASN A 285 6.20 7.65 -6.44
C ASN A 285 5.54 6.42 -5.82
N HIS A 286 4.30 6.12 -6.18
CA HIS A 286 3.60 4.99 -5.61
C HIS A 286 4.11 3.59 -5.94
N LEU A 287 4.67 3.42 -7.14
CA LEU A 287 5.18 2.11 -7.55
C LEU A 287 6.61 1.89 -7.19
N ASP A 288 7.39 2.96 -7.12
CA ASP A 288 8.82 2.89 -6.73
C ASP A 288 8.91 2.15 -5.40
N GLU A 289 7.92 2.38 -4.54
CA GLU A 289 7.76 1.77 -3.22
C GLU A 289 7.89 0.23 -3.21
N ILE A 290 7.40 -0.41 -4.27
CA ILE A 290 7.43 -1.86 -4.45
C ILE A 290 8.37 -2.29 -5.58
N ASN A 291 9.45 -1.50 -5.78
CA ASN A 291 10.47 -1.73 -6.85
C ASN A 291 9.74 -2.01 -8.17
N GLN A 292 8.61 -1.35 -8.33
CA GLN A 292 7.74 -1.58 -9.47
C GLN A 292 7.87 -0.88 -10.81
N LEU A 293 7.50 -1.70 -11.80
CA LEU A 293 7.51 -1.52 -13.25
C LEU A 293 8.94 -1.79 -13.66
N LEU A 294 9.19 -3.10 -13.55
CA LEU A 294 10.43 -3.80 -13.89
C LEU A 294 11.75 -3.30 -13.27
N GLY A 295 11.72 -2.96 -11.98
CA GLY A 295 12.91 -2.48 -11.27
C GLY A 295 13.38 -1.07 -11.64
N VAL A 296 12.52 -0.29 -12.26
CA VAL A 296 12.87 1.04 -12.70
C VAL A 296 12.42 2.13 -11.74
N ARG A 297 13.31 3.08 -11.52
CA ARG A 297 13.08 4.22 -10.66
C ARG A 297 13.94 5.41 -11.13
N GLY A 298 13.53 6.64 -10.78
CA GLY A 298 14.30 7.83 -11.13
C GLY A 298 15.67 7.84 -10.45
N ALA A 299 16.54 8.79 -10.78
CA ALA A 299 17.88 8.80 -10.25
C ALA A 299 18.05 9.26 -8.83
N ASN A 300 17.05 9.99 -8.35
CA ASN A 300 17.05 10.53 -6.99
C ASN A 300 16.25 9.67 -6.00
N ALA A 301 15.77 8.54 -6.51
CA ALA A 301 14.99 7.56 -5.78
C ALA A 301 15.92 6.53 -5.15
N GLU A 302 15.71 6.27 -3.86
CA GLU A 302 16.50 5.31 -3.10
C GLU A 302 16.15 3.90 -3.51
N ASP A 303 17.02 2.93 -3.18
CA ASP A 303 16.78 1.53 -3.50
C ASP A 303 15.71 0.98 -2.53
N PRO A 304 14.47 0.69 -3.04
CA PRO A 304 13.35 0.16 -2.26
C PRO A 304 13.50 -1.29 -1.84
N VAL A 305 14.38 -1.96 -2.54
CA VAL A 305 14.69 -3.33 -2.25
C VAL A 305 15.57 -3.33 -0.99
N ALA A 306 16.42 -2.31 -0.89
CA ALA A 306 17.34 -2.14 0.24
C ALA A 306 16.64 -1.66 1.50
N VAL A 307 15.58 -0.86 1.29
CA VAL A 307 14.78 -0.27 2.37
C VAL A 307 13.94 -1.36 3.02
N ILE A 308 13.36 -2.27 2.23
CA ILE A 308 12.57 -3.37 2.79
C ILE A 308 13.50 -4.41 3.39
N ARG A 309 14.77 -4.34 3.01
CA ARG A 309 15.77 -5.27 3.50
C ARG A 309 16.24 -4.77 4.86
N THR A 310 16.47 -3.46 4.99
CA THR A 310 16.92 -2.92 6.28
C THR A 310 15.78 -2.99 7.29
N HIS A 311 14.55 -3.00 6.81
CA HIS A 311 13.42 -3.13 7.69
C HIS A 311 13.23 -4.53 8.26
N ALA A 312 13.49 -5.53 7.44
CA ALA A 312 13.39 -6.94 7.88
C ALA A 312 14.50 -7.16 8.91
N ASN A 313 15.61 -6.41 8.80
CA ASN A 313 16.70 -6.50 9.75
C ASN A 313 16.26 -5.82 11.07
N ARG A 314 15.53 -4.71 10.91
CA ARG A 314 14.99 -3.95 12.01
C ARG A 314 13.92 -4.78 12.76
N LEU A 315 13.12 -5.54 12.02
CA LEU A 315 12.12 -6.42 12.65
C LEU A 315 12.85 -7.52 13.43
N LYS A 316 14.00 -7.96 12.92
CA LYS A 316 14.80 -9.02 13.55
C LYS A 316 15.39 -8.57 14.89
N LEU A 317 15.95 -7.36 14.90
CA LEU A 317 16.55 -6.81 16.10
C LEU A 317 15.46 -6.36 17.06
N ALA A 318 14.24 -6.26 16.58
CA ALA A 318 13.09 -5.86 17.39
C ALA A 318 12.54 -7.04 18.18
N GLY A 319 12.91 -8.25 17.76
CA GLY A 319 12.43 -9.43 18.44
C GLY A 319 11.29 -10.11 17.75
N VAL A 320 10.88 -9.57 16.60
CA VAL A 320 9.80 -10.16 15.79
C VAL A 320 10.33 -10.87 14.54
CA CA B . 9.01 3.25 -11.14
P1 OCP C . -3.11 1.44 -3.40
O1 OCP C . -2.13 1.19 -4.60
O4 OCP C . -3.81 0.17 -3.14
O5 OCP C . -0.25 -0.07 -6.91
O6 OCP C . -1.19 -1.46 -8.60
O3 OCP C . -1.96 1.82 -9.04
O7 OCP C . -2.55 4.27 -9.22
C1 OCP C . -2.33 0.10 -5.60
C2 OCP C . -1.79 0.29 -7.00
C3 OCP C . -1.89 1.76 -7.58
C4 OCP C . -4.50 2.40 -3.33
C5 OCP C . -3.88 3.81 -3.54
C6 OCP C . -5.16 4.82 -3.68
C7 OCP C . -5.54 4.93 -5.17
C8 OCP C . -6.91 5.00 -5.81
C9 OCP C . -6.90 5.12 -7.40
C10 OCP C . -8.48 5.13 -7.53
C11 OCP C . -9.18 3.84 -8.40
C12 OCP C . -2.07 3.09 -9.57
N1 OCP C . -1.42 3.06 -11.02
C13 OCP C . -1.42 4.58 -11.70
C14 OCP C . -2.79 4.55 -12.46
C15 OCP C . -2.49 5.70 -13.30
C16 OCP C . -2.85 6.59 -14.29
C17 OCP C . -2.92 8.06 -14.57
C18 OCP C . -3.07 8.40 -16.06
C19 OCP C . -3.06 9.90 -15.75
C20 OCP C . -3.18 10.79 -17.02
C22 OCP C . -0.20 -0.87 -8.09
N2 OCP C . 0.93 -1.53 -8.62
C23 OCP C . 1.41 -2.52 -10.03
C24 OCP C . 1.90 -2.22 -11.38
C25 OCP C . 0.99 -3.11 -11.99
C26 OCP C . 1.20 -3.07 -13.55
C27 OCP C . 0.16 -4.12 -14.03
C28 OCP C . 0.16 -4.27 -15.53
C29 OCP C . -0.94 -5.35 -15.78
C30 OCP C . -0.99 -5.49 -17.47
#